data_4ZPS
#
_entry.id   4ZPS
#
_cell.length_a   64.060
_cell.length_b   78.120
_cell.length_c   167.730
_cell.angle_alpha   90.00
_cell.angle_beta   90.00
_cell.angle_gamma   90.00
#
_symmetry.space_group_name_H-M   'I 21 21 21'
#
loop_
_entity.id
_entity.type
_entity.pdbx_description
1 polymer 'MCG133388, isoform CRA_m'
2 non-polymer alpha-D-mannopyranose
3 non-polymer 'CALCIUM ION'
4 water water
#
_entity_poly.entity_id   1
_entity_poly.type   'polypeptide(L)'
_entity_poly.pdbx_seq_one_letter_code
;QIRYSVPEETDKGTVVGNISKDLGLEPRELAERGVRIVSRGRSQLFSLNPRGGSLVTAGRIDREELCAQSTPCLVNINIL
VEEKGKLFGVEIEITDINDNNPKFHVGDLEVKINEIAAPGARYPLPEAVDPDVGINSLQSYQLSPNRHFSLHLQTGDDGT
INPELVLERTLDREEEPTHHLVLTASDGGEPRRSSTALIQITVLDTNDNAPVFDQPVYRVKVLENVAPGTLLLTVRASDP
DEGVNGKVTYKFRKINEKQSLLFHLHENTGEMTVAKNLDYEECSLYEMEIQAEDVGALLGRSKVIIMVEDVNDHHHHHHH
H
;
_entity_poly.pdbx_strand_id   A
#
loop_
_chem_comp.id
_chem_comp.type
_chem_comp.name
_chem_comp.formula
CA non-polymer 'CALCIUM ION' 'Ca 2'
MAN D-saccharide, alpha linking alpha-D-mannopyranose 'C6 H12 O6'
#
# COMPACT_ATOMS: atom_id res chain seq x y z
N GLN A 1 -19.53 -45.43 16.44
CA GLN A 1 -18.94 -46.17 15.33
C GLN A 1 -19.32 -45.55 13.98
N ILE A 2 -20.48 -44.90 13.94
CA ILE A 2 -21.04 -44.43 12.67
C ILE A 2 -20.35 -43.16 12.17
N ARG A 3 -20.24 -43.01 10.85
CA ARG A 3 -19.65 -41.82 10.23
C ARG A 3 -20.54 -41.23 9.13
N TYR A 4 -20.95 -39.99 9.32
CA TYR A 4 -21.74 -39.27 8.32
C TYR A 4 -21.02 -38.02 7.84
N SER A 5 -21.66 -37.26 6.96
CA SER A 5 -21.09 -36.02 6.45
C SER A 5 -22.18 -35.11 5.88
N VAL A 6 -21.96 -33.80 5.99
CA VAL A 6 -22.95 -32.83 5.52
C VAL A 6 -22.30 -31.50 5.15
N PRO A 7 -22.69 -30.92 4.00
CA PRO A 7 -22.20 -29.60 3.59
C PRO A 7 -22.58 -28.51 4.59
N GLU A 8 -21.79 -27.44 4.63
CA GLU A 8 -22.06 -26.33 5.52
C GLU A 8 -23.09 -25.38 4.94
N GLU A 9 -23.50 -24.39 5.73
CA GLU A 9 -24.45 -23.36 5.30
C GLU A 9 -25.74 -23.94 4.73
N THR A 10 -26.06 -25.17 5.11
CA THR A 10 -27.24 -25.85 4.59
C THR A 10 -28.49 -25.42 5.36
N ASP A 11 -29.64 -25.82 4.85
CA ASP A 11 -30.91 -25.42 5.43
C ASP A 11 -31.39 -26.38 6.52
N LYS A 12 -32.53 -26.07 7.11
CA LYS A 12 -33.13 -26.89 8.15
C LYS A 12 -33.93 -28.02 7.52
N GLY A 13 -33.76 -29.24 8.04
CA GLY A 13 -34.43 -30.40 7.49
C GLY A 13 -33.60 -31.08 6.43
N THR A 14 -32.29 -30.84 6.47
CA THR A 14 -31.36 -31.43 5.50
C THR A 14 -30.80 -32.74 6.04
N VAL A 15 -30.80 -33.77 5.19
CA VAL A 15 -30.36 -35.09 5.60
C VAL A 15 -28.87 -35.14 5.88
N VAL A 16 -28.50 -35.82 6.96
CA VAL A 16 -27.10 -36.08 7.27
C VAL A 16 -26.76 -37.52 6.97
N GLY A 17 -27.63 -38.43 7.40
CA GLY A 17 -27.41 -39.85 7.17
C GLY A 17 -28.62 -40.72 7.49
N ASN A 18 -28.77 -41.80 6.74
CA ASN A 18 -29.86 -42.74 6.97
C ASN A 18 -29.62 -43.53 8.25
N ILE A 19 -30.03 -42.96 9.38
CA ILE A 19 -29.69 -43.50 10.69
C ILE A 19 -30.49 -44.75 11.07
N SER A 20 -31.72 -44.86 10.56
CA SER A 20 -32.58 -45.99 10.88
C SER A 20 -32.00 -47.32 10.40
N LYS A 21 -31.23 -47.28 9.32
CA LYS A 21 -30.63 -48.48 8.75
C LYS A 21 -29.38 -48.89 9.50
N ASP A 22 -28.57 -47.91 9.88
CA ASP A 22 -27.30 -48.18 10.58
C ASP A 22 -27.52 -48.47 12.06
N LEU A 23 -28.72 -48.17 12.56
CA LEU A 23 -29.05 -48.38 13.95
C LEU A 23 -29.66 -49.76 14.15
N GLY A 24 -29.87 -50.48 13.04
CA GLY A 24 -30.43 -51.81 13.08
C GLY A 24 -31.94 -51.78 13.22
N LEU A 25 -32.53 -50.64 12.90
CA LEU A 25 -33.97 -50.43 13.07
C LEU A 25 -34.71 -50.31 11.74
N GLU A 26 -35.98 -49.95 11.84
CA GLU A 26 -36.81 -49.62 10.69
C GLU A 26 -37.35 -48.21 10.87
N PRO A 27 -37.63 -47.49 9.77
CA PRO A 27 -38.01 -46.07 9.82
C PRO A 27 -39.14 -45.74 10.80
N ARG A 28 -40.25 -46.47 10.72
CA ARG A 28 -41.39 -46.24 11.59
C ARG A 28 -41.03 -46.51 13.05
N GLU A 29 -40.14 -47.47 13.28
CA GLU A 29 -39.80 -47.92 14.62
C GLU A 29 -38.96 -46.92 15.39
N LEU A 30 -38.45 -45.89 14.71
CA LEU A 30 -37.56 -44.91 15.34
C LEU A 30 -38.24 -44.24 16.54
N ALA A 31 -39.48 -43.80 16.34
CA ALA A 31 -40.23 -43.21 17.44
C ALA A 31 -40.74 -44.31 18.39
N GLU A 32 -40.89 -45.51 17.86
CA GLU A 32 -41.45 -46.63 18.63
C GLU A 32 -40.45 -47.20 19.62
N ARG A 33 -39.19 -47.34 19.20
CA ARG A 33 -38.16 -47.92 20.06
C ARG A 33 -37.63 -46.89 21.06
N GLY A 34 -38.19 -45.69 21.03
CA GLY A 34 -37.84 -44.65 21.98
C GLY A 34 -36.38 -44.24 21.95
N VAL A 35 -35.81 -44.19 20.76
CA VAL A 35 -34.42 -43.77 20.60
C VAL A 35 -34.34 -42.26 20.42
N ARG A 36 -33.53 -41.61 21.26
CA ARG A 36 -33.41 -40.16 21.21
C ARG A 36 -31.95 -39.72 21.22
N ILE A 37 -31.73 -38.42 21.08
CA ILE A 37 -30.38 -37.87 21.07
C ILE A 37 -29.98 -37.32 22.43
N VAL A 38 -28.81 -37.74 22.92
CA VAL A 38 -28.28 -37.15 24.15
C VAL A 38 -27.52 -35.87 23.81
N SER A 39 -28.23 -34.75 23.88
CA SER A 39 -27.73 -33.47 23.39
C SER A 39 -26.67 -32.84 24.28
N ARG A 40 -25.41 -33.22 24.07
CA ARG A 40 -24.31 -32.61 24.79
C ARG A 40 -23.49 -31.72 23.87
N GLY A 41 -23.73 -30.42 23.96
CA GLY A 41 -23.00 -29.45 23.15
C GLY A 41 -23.51 -29.33 21.73
N ARG A 42 -22.58 -29.39 20.77
CA ARG A 42 -22.90 -29.19 19.36
C ARG A 42 -23.90 -30.19 18.81
N SER A 43 -24.15 -31.26 19.56
CA SER A 43 -25.17 -32.24 19.19
C SER A 43 -26.57 -31.64 19.16
N GLN A 44 -26.71 -30.45 19.76
CA GLN A 44 -27.99 -29.75 19.75
C GLN A 44 -28.26 -29.12 18.38
N LEU A 45 -27.26 -29.18 17.49
CA LEU A 45 -27.38 -28.59 16.17
C LEU A 45 -28.09 -29.53 15.20
N PHE A 46 -28.51 -30.69 15.70
CA PHE A 46 -29.18 -31.68 14.89
C PHE A 46 -30.49 -32.12 15.53
N SER A 47 -31.36 -32.75 14.75
CA SER A 47 -32.60 -33.30 15.26
C SER A 47 -32.94 -34.60 14.55
N LEU A 48 -33.80 -35.40 15.17
CA LEU A 48 -34.21 -36.66 14.57
C LEU A 48 -35.54 -36.53 13.84
N ASN A 49 -35.57 -37.04 12.61
CA ASN A 49 -36.81 -37.16 11.85
C ASN A 49 -37.29 -38.60 11.90
N PRO A 50 -38.25 -38.88 12.80
CA PRO A 50 -38.75 -40.25 13.04
C PRO A 50 -39.68 -40.72 11.94
N ARG A 51 -40.11 -39.81 11.09
CA ARG A 51 -41.04 -40.15 10.02
C ARG A 51 -40.35 -40.95 8.92
N GLY A 52 -39.11 -40.58 8.62
CA GLY A 52 -38.33 -41.27 7.61
C GLY A 52 -37.12 -41.96 8.19
N GLY A 53 -37.02 -41.94 9.51
CA GLY A 53 -35.92 -42.59 10.21
C GLY A 53 -34.57 -42.00 9.82
N SER A 54 -34.45 -40.68 9.88
CA SER A 54 -33.22 -40.03 9.44
C SER A 54 -32.73 -39.01 10.46
N LEU A 55 -31.44 -38.71 10.41
CA LEU A 55 -30.87 -37.64 11.20
C LEU A 55 -30.77 -36.38 10.34
N VAL A 56 -31.46 -35.32 10.74
CA VAL A 56 -31.50 -34.11 9.94
C VAL A 56 -30.95 -32.89 10.68
N THR A 57 -30.62 -31.86 9.91
CA THR A 57 -30.13 -30.61 10.48
C THR A 57 -31.28 -29.78 11.04
N ALA A 58 -31.05 -29.10 12.15
CA ALA A 58 -32.09 -28.31 12.80
C ALA A 58 -31.58 -26.93 13.18
N GLY A 59 -30.57 -26.45 12.45
CA GLY A 59 -30.01 -25.14 12.70
C GLY A 59 -28.92 -24.79 11.70
N ARG A 60 -28.45 -23.55 11.76
CA ARG A 60 -27.39 -23.09 10.87
C ARG A 60 -26.07 -23.81 11.15
N ILE A 61 -25.43 -24.29 10.09
CA ILE A 61 -24.15 -25.00 10.22
C ILE A 61 -23.07 -24.33 9.38
N ASP A 62 -22.06 -23.78 10.04
CA ASP A 62 -20.95 -23.16 9.35
C ASP A 62 -19.62 -23.55 9.98
N ARG A 63 -18.70 -24.08 9.18
CA ARG A 63 -17.40 -24.55 9.66
C ARG A 63 -16.55 -23.43 10.25
N GLU A 64 -16.71 -22.22 9.70
CA GLU A 64 -15.92 -21.06 10.12
C GLU A 64 -16.12 -20.74 11.61
N GLU A 65 -17.34 -20.93 12.10
CA GLU A 65 -17.65 -20.64 13.50
C GLU A 65 -17.54 -21.90 14.34
N LEU A 66 -17.56 -23.06 13.68
CA LEU A 66 -17.53 -24.34 14.38
C LEU A 66 -16.11 -24.92 14.45
N CYS A 67 -15.42 -24.92 13.33
CA CYS A 67 -14.08 -25.51 13.27
C CYS A 67 -13.02 -24.53 12.78
N ALA A 68 -13.35 -23.80 11.71
CA ALA A 68 -12.46 -22.81 11.12
C ALA A 68 -11.16 -23.42 10.63
N GLN A 69 -10.09 -23.26 11.42
CA GLN A 69 -8.74 -23.58 10.97
C GLN A 69 -8.44 -25.07 10.91
N SER A 70 -9.11 -25.86 11.75
CA SER A 70 -8.89 -27.30 11.79
C SER A 70 -9.30 -27.96 10.47
N THR A 71 -8.41 -28.78 9.93
CA THR A 71 -8.66 -29.42 8.65
C THR A 71 -9.89 -30.37 8.71
N PRO A 72 -9.99 -31.21 9.76
CA PRO A 72 -11.25 -31.96 9.79
C PRO A 72 -12.27 -31.35 10.74
N CYS A 73 -13.46 -31.01 10.22
CA CYS A 73 -14.53 -30.50 11.08
C CYS A 73 -15.46 -31.65 11.47
N LEU A 74 -15.34 -32.11 12.72
CA LEU A 74 -16.06 -33.29 13.19
C LEU A 74 -16.94 -32.98 14.40
N VAL A 75 -18.15 -33.53 14.41
CA VAL A 75 -19.06 -33.40 15.54
C VAL A 75 -19.53 -34.78 16.01
N ASN A 76 -19.04 -35.19 17.18
CA ASN A 76 -19.41 -36.48 17.73
C ASN A 76 -20.58 -36.38 18.70
N ILE A 77 -21.67 -37.05 18.35
CA ILE A 77 -22.87 -37.06 19.18
C ILE A 77 -23.17 -38.48 19.66
N ASN A 78 -24.00 -38.58 20.70
CA ASN A 78 -24.40 -39.88 21.22
C ASN A 78 -25.91 -40.09 21.11
N ILE A 79 -26.28 -41.15 20.41
CA ILE A 79 -27.69 -41.47 20.20
C ILE A 79 -28.07 -42.75 20.94
N LEU A 80 -29.10 -42.65 21.78
CA LEU A 80 -29.46 -43.73 22.69
C LEU A 80 -30.81 -44.37 22.39
N VAL A 81 -30.79 -45.67 22.09
CA VAL A 81 -32.00 -46.47 22.03
C VAL A 81 -32.31 -46.95 23.45
N GLU A 82 -33.35 -46.39 24.04
CA GLU A 82 -33.67 -46.63 25.45
C GLU A 82 -34.25 -48.01 25.70
N GLU A 83 -35.22 -48.40 24.87
CA GLU A 83 -35.91 -49.68 25.06
C GLU A 83 -34.95 -50.86 24.95
N LYS A 84 -33.98 -50.74 24.05
CA LYS A 84 -32.94 -51.76 23.90
C LYS A 84 -31.80 -51.51 24.88
N GLY A 85 -31.73 -50.29 25.40
CA GLY A 85 -30.66 -49.92 26.32
C GLY A 85 -29.32 -49.83 25.62
N LYS A 86 -29.35 -49.64 24.31
CA LYS A 86 -28.12 -49.61 23.52
C LYS A 86 -27.72 -48.18 23.17
N LEU A 87 -26.44 -47.87 23.33
CA LEU A 87 -25.93 -46.54 23.00
C LEU A 87 -25.09 -46.61 21.72
N PHE A 88 -25.13 -45.53 20.94
CA PHE A 88 -24.40 -45.50 19.67
C PHE A 88 -23.68 -44.17 19.44
N GLY A 89 -22.45 -44.26 18.95
CA GLY A 89 -21.66 -43.09 18.66
C GLY A 89 -21.74 -42.67 17.22
N VAL A 90 -22.05 -41.39 16.99
CA VAL A 90 -22.20 -40.87 15.64
C VAL A 90 -21.25 -39.70 15.37
N GLU A 91 -20.24 -39.92 14.54
CA GLU A 91 -19.32 -38.87 14.14
C GLU A 91 -19.76 -38.23 12.83
N ILE A 92 -19.91 -36.91 12.83
CA ILE A 92 -20.41 -36.21 11.65
C ILE A 92 -19.40 -35.23 11.06
N GLU A 93 -19.06 -35.42 9.79
CA GLU A 93 -18.14 -34.52 9.09
C GLU A 93 -18.89 -33.34 8.48
N ILE A 94 -18.19 -32.22 8.30
CA ILE A 94 -18.79 -31.03 7.70
C ILE A 94 -17.97 -30.53 6.52
N THR A 95 -18.60 -30.47 5.34
CA THR A 95 -17.90 -30.04 4.12
C THR A 95 -17.74 -28.52 4.08
N ASP A 96 -16.52 -28.07 3.81
CA ASP A 96 -16.22 -26.65 3.67
C ASP A 96 -16.62 -26.15 2.29
N ILE A 97 -17.31 -25.02 2.26
CA ILE A 97 -17.68 -24.38 1.00
C ILE A 97 -17.03 -22.99 0.91
N ASN A 98 -17.02 -22.42 -0.29
CA ASN A 98 -16.42 -21.11 -0.49
C ASN A 98 -17.42 -19.98 -0.31
N ASP A 99 -17.47 -19.44 0.90
CA ASP A 99 -18.37 -18.31 1.20
C ASP A 99 -17.63 -17.23 1.96
N ASN A 100 -16.30 -17.37 2.06
CA ASN A 100 -15.48 -16.42 2.79
C ASN A 100 -14.14 -16.18 2.09
N ASN A 101 -14.14 -15.21 1.18
CA ASN A 101 -12.94 -14.83 0.44
C ASN A 101 -11.86 -14.23 1.36
N PRO A 102 -10.60 -14.26 0.91
CA PRO A 102 -9.50 -13.63 1.67
C PRO A 102 -9.70 -12.13 1.81
N LYS A 103 -9.99 -11.67 3.01
CA LYS A 103 -10.24 -10.24 3.24
C LYS A 103 -9.10 -9.60 4.01
N PHE A 104 -8.64 -8.45 3.53
CA PHE A 104 -7.59 -7.68 4.20
C PHE A 104 -8.13 -7.08 5.49
N HIS A 105 -7.22 -6.61 6.34
CA HIS A 105 -7.61 -5.94 7.57
C HIS A 105 -7.58 -4.42 7.38
N VAL A 106 -6.96 -4.00 6.27
CA VAL A 106 -6.94 -2.59 5.91
C VAL A 106 -7.30 -2.44 4.43
N GLY A 107 -8.00 -1.35 4.12
CA GLY A 107 -8.40 -1.09 2.75
C GLY A 107 -7.30 -0.39 1.98
N ASP A 108 -6.25 0.00 2.70
CA ASP A 108 -5.14 0.73 2.09
C ASP A 108 -3.89 0.69 2.97
N LEU A 109 -2.75 1.03 2.36
CA LEU A 109 -1.50 1.14 3.09
C LEU A 109 -0.58 2.13 2.40
N GLU A 110 -0.06 3.09 3.15
CA GLU A 110 0.87 4.07 2.61
C GLU A 110 2.30 3.70 2.95
N VAL A 111 3.16 3.63 1.94
CA VAL A 111 4.56 3.32 2.14
C VAL A 111 5.42 4.53 1.78
N LYS A 112 6.04 5.14 2.78
CA LYS A 112 6.90 6.29 2.55
C LYS A 112 8.32 5.86 2.21
N ILE A 113 8.71 6.12 0.97
CA ILE A 113 10.03 5.73 0.47
C ILE A 113 10.81 6.94 -0.04
N ASN A 114 12.02 7.13 0.45
CA ASN A 114 12.88 8.23 0.01
C ASN A 114 13.55 7.91 -1.31
N GLU A 115 13.83 8.95 -2.10
CA GLU A 115 14.50 8.80 -3.38
C GLU A 115 15.87 8.16 -3.26
N ILE A 116 16.53 8.42 -2.15
CA ILE A 116 17.91 7.98 -1.95
C ILE A 116 17.99 6.46 -1.80
N ALA A 117 16.84 5.82 -1.61
CA ALA A 117 16.77 4.38 -1.45
C ALA A 117 17.27 3.65 -2.70
N ALA A 118 18.28 2.80 -2.51
CA ALA A 118 18.84 2.02 -3.60
C ALA A 118 18.05 0.73 -3.78
N PRO A 119 18.02 0.20 -5.01
CA PRO A 119 17.38 -1.08 -5.31
C PRO A 119 17.86 -2.19 -4.38
N GLY A 120 16.94 -3.06 -3.95
CA GLY A 120 17.26 -4.10 -2.99
C GLY A 120 16.48 -3.90 -1.71
N ALA A 121 15.94 -2.70 -1.54
CA ALA A 121 15.12 -2.38 -0.37
C ALA A 121 13.78 -3.10 -0.44
N ARG A 122 13.16 -3.30 0.72
CA ARG A 122 11.91 -4.05 0.78
C ARG A 122 10.99 -3.54 1.88
N TYR A 123 9.71 -3.40 1.56
CA TYR A 123 8.74 -2.85 2.49
C TYR A 123 7.50 -3.73 2.58
N PRO A 124 7.07 -4.04 3.82
CA PRO A 124 5.98 -5.00 4.08
C PRO A 124 4.63 -4.59 3.49
N LEU A 125 3.89 -5.60 3.01
CA LEU A 125 2.56 -5.39 2.46
C LEU A 125 1.51 -6.07 3.33
N PRO A 126 0.25 -5.61 3.27
CA PRO A 126 -0.80 -6.21 4.10
C PRO A 126 -1.12 -7.65 3.71
N GLU A 127 -1.74 -8.38 4.62
CA GLU A 127 -2.14 -9.75 4.36
C GLU A 127 -3.64 -9.92 4.54
N ALA A 128 -4.25 -10.78 3.71
CA ALA A 128 -5.66 -11.07 3.81
C ALA A 128 -5.88 -12.42 4.47
N VAL A 129 -6.79 -12.46 5.44
CA VAL A 129 -7.08 -13.70 6.16
C VAL A 129 -8.13 -14.52 5.41
N ASP A 130 -7.93 -15.84 5.39
CA ASP A 130 -8.87 -16.75 4.74
C ASP A 130 -9.56 -17.63 5.78
N PRO A 131 -10.83 -17.29 6.10
CA PRO A 131 -11.62 -18.07 7.05
C PRO A 131 -11.73 -19.53 6.65
N ASP A 132 -11.91 -19.78 5.36
CA ASP A 132 -11.93 -21.13 4.84
C ASP A 132 -10.51 -21.64 4.68
N VAL A 133 -10.33 -22.96 4.74
CA VAL A 133 -9.00 -23.55 4.63
C VAL A 133 -8.97 -24.59 3.51
N GLY A 134 -7.87 -24.64 2.77
CA GLY A 134 -7.72 -25.57 1.68
C GLY A 134 -7.63 -24.87 0.35
N ILE A 135 -8.30 -25.41 -0.66
CA ILE A 135 -8.36 -24.77 -1.96
C ILE A 135 -9.20 -23.50 -1.87
N ASN A 136 -10.15 -23.49 -0.94
CA ASN A 136 -11.01 -22.35 -0.72
C ASN A 136 -10.39 -21.35 0.26
N SER A 137 -9.07 -21.41 0.37
CA SER A 137 -8.32 -20.47 1.21
C SER A 137 -7.51 -19.53 0.33
N LEU A 138 -6.78 -18.61 0.95
CA LEU A 138 -5.94 -17.67 0.21
C LEU A 138 -4.94 -18.42 -0.66
N GLN A 139 -4.95 -18.12 -1.95
CA GLN A 139 -4.13 -18.86 -2.90
C GLN A 139 -3.02 -18.02 -3.53
N SER A 140 -3.31 -16.77 -3.86
CA SER A 140 -2.30 -15.96 -4.54
C SER A 140 -2.31 -14.47 -4.22
N TYR A 141 -1.19 -13.81 -4.51
CA TYR A 141 -1.09 -12.36 -4.46
C TYR A 141 -0.67 -11.82 -5.83
N GLN A 142 -1.51 -10.96 -6.40
CA GLN A 142 -1.20 -10.30 -7.66
C GLN A 142 -0.93 -8.82 -7.43
N LEU A 143 0.07 -8.28 -8.12
CA LEU A 143 0.39 -6.86 -7.99
C LEU A 143 0.32 -6.16 -9.34
N SER A 144 -0.35 -5.01 -9.37
CA SER A 144 -0.51 -4.24 -10.59
C SER A 144 0.84 -3.86 -11.19
N PRO A 145 0.95 -3.89 -12.52
CA PRO A 145 2.22 -3.67 -13.21
C PRO A 145 2.81 -2.27 -12.97
N ASN A 146 4.03 -2.23 -12.44
CA ASN A 146 4.76 -0.99 -12.27
C ASN A 146 6.14 -1.10 -12.90
N ARG A 147 6.93 -0.05 -12.75
CA ARG A 147 8.26 0.00 -13.36
C ARG A 147 9.37 -0.05 -12.30
N HIS A 148 9.06 0.44 -11.11
CA HIS A 148 10.08 0.57 -10.07
C HIS A 148 10.08 -0.57 -9.05
N PHE A 149 9.02 -1.39 -9.05
CA PHE A 149 8.83 -2.37 -7.98
C PHE A 149 8.64 -3.81 -8.45
N SER A 150 8.55 -4.72 -7.48
CA SER A 150 8.24 -6.12 -7.75
C SER A 150 7.66 -6.78 -6.49
N LEU A 151 6.65 -7.62 -6.68
CA LEU A 151 6.01 -8.30 -5.56
C LEU A 151 6.76 -9.58 -5.16
N HIS A 152 7.45 -9.52 -4.03
CA HIS A 152 8.18 -10.69 -3.53
C HIS A 152 7.37 -11.46 -2.51
N LEU A 153 7.01 -12.69 -2.85
CA LEU A 153 6.25 -13.54 -1.95
C LEU A 153 7.17 -14.33 -1.04
N GLN A 154 7.58 -13.72 0.06
CA GLN A 154 8.51 -14.35 1.00
C GLN A 154 7.87 -15.53 1.70
N THR A 155 8.64 -16.60 1.90
CA THR A 155 8.16 -17.78 2.62
C THR A 155 9.27 -18.44 3.41
N GLY A 156 9.14 -18.43 4.73
CA GLY A 156 10.10 -19.08 5.59
C GLY A 156 9.65 -20.48 6.00
N ASP A 157 10.27 -21.03 7.02
CA ASP A 157 9.89 -22.33 7.54
C ASP A 157 8.66 -22.22 8.43
N ASP A 158 8.20 -20.99 8.64
CA ASP A 158 7.02 -20.73 9.46
C ASP A 158 5.78 -21.35 8.81
N GLY A 159 5.70 -21.29 7.49
CA GLY A 159 4.62 -21.92 6.75
C GLY A 159 3.73 -20.95 5.98
N THR A 160 3.57 -19.75 6.52
CA THR A 160 2.65 -18.78 5.92
C THR A 160 3.35 -17.88 4.89
N ILE A 161 2.59 -16.95 4.33
CA ILE A 161 3.10 -16.08 3.27
C ILE A 161 3.41 -14.68 3.79
N ASN A 162 4.48 -14.09 3.26
CA ASN A 162 4.87 -12.73 3.61
C ASN A 162 5.10 -11.88 2.36
N PRO A 163 4.04 -11.21 1.88
CA PRO A 163 4.15 -10.36 0.69
C PRO A 163 4.92 -9.08 1.00
N GLU A 164 6.12 -8.96 0.44
CA GLU A 164 6.91 -7.75 0.63
C GLU A 164 7.23 -7.11 -0.73
N LEU A 165 7.20 -5.78 -0.75
CA LEU A 165 7.43 -5.02 -1.97
C LEU A 165 8.91 -4.70 -2.13
N VAL A 166 9.49 -5.12 -3.23
CA VAL A 166 10.92 -4.91 -3.48
C VAL A 166 11.16 -3.81 -4.52
N LEU A 167 12.01 -2.85 -4.16
CA LEU A 167 12.42 -1.79 -5.08
C LEU A 167 13.61 -2.27 -5.92
N GLU A 168 13.53 -2.07 -7.23
CA GLU A 168 14.59 -2.50 -8.12
C GLU A 168 15.00 -1.42 -9.13
N ARG A 169 14.20 -0.37 -9.20
CA ARG A 169 14.55 0.81 -10.00
C ARG A 169 14.33 2.07 -9.18
N THR A 170 15.39 2.85 -9.03
CA THR A 170 15.38 4.04 -8.19
C THR A 170 14.19 4.96 -8.45
N LEU A 171 13.66 5.55 -7.39
CA LEU A 171 12.54 6.48 -7.50
C LEU A 171 13.05 7.92 -7.69
N ASP A 172 12.13 8.81 -8.06
CA ASP A 172 12.47 10.22 -8.27
C ASP A 172 11.21 11.07 -8.22
N ARG A 173 10.98 11.75 -7.09
CA ARG A 173 9.77 12.55 -6.93
C ARG A 173 9.82 13.83 -7.76
N GLU A 174 11.01 14.17 -8.25
CA GLU A 174 11.15 15.30 -9.16
C GLU A 174 10.48 14.98 -10.49
N GLU A 175 10.27 13.70 -10.74
CA GLU A 175 9.53 13.23 -11.91
C GLU A 175 8.13 12.76 -11.54
N GLU A 176 8.06 11.89 -10.53
CA GLU A 176 6.79 11.35 -10.06
C GLU A 176 6.79 11.20 -8.54
N PRO A 177 5.91 11.95 -7.86
CA PRO A 177 5.87 12.01 -6.40
C PRO A 177 5.10 10.88 -5.74
N THR A 178 3.99 10.45 -6.34
CA THR A 178 3.18 9.38 -5.78
C THR A 178 2.96 8.27 -6.80
N HIS A 179 2.72 7.07 -6.29
CA HIS A 179 2.39 5.93 -7.13
C HIS A 179 1.23 5.16 -6.52
N HIS A 180 0.38 4.58 -7.36
CA HIS A 180 -0.76 3.81 -6.87
C HIS A 180 -0.72 2.38 -7.42
N LEU A 181 -0.53 1.42 -6.53
CA LEU A 181 -0.50 0.02 -6.90
C LEU A 181 -1.65 -0.76 -6.28
N VAL A 182 -2.04 -1.86 -6.92
CA VAL A 182 -3.17 -2.67 -6.44
C VAL A 182 -2.72 -4.04 -5.95
N LEU A 183 -3.07 -4.37 -4.71
CA LEU A 183 -2.69 -5.67 -4.15
C LEU A 183 -3.90 -6.60 -4.08
N THR A 184 -3.94 -7.58 -4.99
CA THR A 184 -5.06 -8.50 -5.10
C THR A 184 -4.79 -9.84 -4.42
N ALA A 185 -5.58 -10.15 -3.40
CA ALA A 185 -5.51 -11.47 -2.77
C ALA A 185 -6.58 -12.36 -3.39
N SER A 186 -6.15 -13.47 -3.97
CA SER A 186 -7.06 -14.35 -4.70
C SER A 186 -7.16 -15.76 -4.11
N ASP A 187 -8.32 -16.36 -4.34
CA ASP A 187 -8.72 -17.64 -3.76
C ASP A 187 -9.25 -18.57 -4.84
N GLY A 188 -8.85 -19.83 -4.78
CA GLY A 188 -9.26 -20.82 -5.76
C GLY A 188 -10.63 -21.43 -5.48
N GLY A 189 -11.65 -20.92 -6.16
CA GLY A 189 -12.99 -21.43 -6.03
C GLY A 189 -13.72 -21.43 -7.35
N GLU A 190 -15.05 -21.47 -7.30
CA GLU A 190 -15.87 -21.43 -8.50
C GLU A 190 -17.00 -20.44 -8.36
N PRO A 191 -16.80 -19.19 -8.81
CA PRO A 191 -15.56 -18.72 -9.42
C PRO A 191 -14.48 -18.38 -8.40
N ARG A 192 -13.29 -18.04 -8.87
CA ARG A 192 -12.19 -17.68 -7.99
C ARG A 192 -12.53 -16.44 -7.16
N ARG A 193 -12.51 -16.60 -5.83
CA ARG A 193 -12.76 -15.48 -4.93
C ARG A 193 -11.58 -14.52 -4.95
N SER A 194 -11.79 -13.30 -4.45
CA SER A 194 -10.71 -12.32 -4.33
C SER A 194 -11.14 -11.04 -3.62
N SER A 195 -10.18 -10.40 -2.97
CA SER A 195 -10.36 -9.03 -2.46
C SER A 195 -9.13 -8.22 -2.84
N THR A 196 -9.24 -6.90 -2.74
CA THR A 196 -8.10 -6.06 -3.08
C THR A 196 -7.85 -4.98 -2.04
N ALA A 197 -6.58 -4.64 -1.86
CA ALA A 197 -6.18 -3.52 -1.01
C ALA A 197 -5.37 -2.53 -1.84
N LEU A 198 -5.41 -1.27 -1.45
CA LEU A 198 -4.68 -0.23 -2.17
C LEU A 198 -3.32 0.02 -1.55
N ILE A 199 -2.32 0.21 -2.40
CA ILE A 199 -0.97 0.51 -1.94
C ILE A 199 -0.50 1.84 -2.51
N GLN A 200 -0.39 2.85 -1.66
CA GLN A 200 0.06 4.16 -2.08
C GLN A 200 1.53 4.37 -1.75
N ILE A 201 2.35 4.45 -2.78
CA ILE A 201 3.76 4.78 -2.61
C ILE A 201 3.96 6.29 -2.57
N THR A 202 4.34 6.80 -1.41
CA THR A 202 4.62 8.22 -1.25
C THR A 202 6.13 8.45 -1.26
N VAL A 203 6.62 9.02 -2.36
CA VAL A 203 8.06 9.25 -2.50
C VAL A 203 8.51 10.50 -1.76
N LEU A 204 9.21 10.30 -0.66
CA LEU A 204 9.74 11.40 0.13
C LEU A 204 10.91 12.05 -0.60
N ASP A 205 11.23 13.29 -0.24
CA ASP A 205 12.25 14.04 -0.95
C ASP A 205 13.63 13.93 -0.33
N THR A 206 14.66 13.99 -1.17
CA THR A 206 16.03 14.18 -0.73
C THR A 206 16.63 15.32 -1.53
N ASN A 207 17.59 16.03 -0.96
CA ASN A 207 18.18 17.19 -1.61
C ASN A 207 19.32 16.79 -2.55
N ASP A 208 18.96 16.35 -3.75
CA ASP A 208 19.94 15.88 -4.71
C ASP A 208 20.07 16.81 -5.91
N ASN A 209 19.12 17.73 -6.05
CA ASN A 209 19.19 18.72 -7.11
C ASN A 209 19.87 20.02 -6.66
N ALA A 210 21.05 20.28 -7.20
CA ALA A 210 21.76 21.52 -6.92
C ALA A 210 21.21 22.64 -7.78
N PRO A 211 21.23 23.88 -7.26
CA PRO A 211 20.80 25.07 -8.01
C PRO A 211 21.53 25.24 -9.33
N VAL A 212 20.77 25.47 -10.40
CA VAL A 212 21.33 25.63 -11.74
C VAL A 212 20.69 26.82 -12.46
N PHE A 213 21.50 27.81 -12.81
CA PHE A 213 21.01 29.04 -13.40
C PHE A 213 20.36 28.85 -14.78
N ASP A 214 19.57 29.84 -15.18
CA ASP A 214 18.95 29.84 -16.50
C ASP A 214 20.01 29.95 -17.59
N GLN A 215 21.05 30.73 -17.31
CA GLN A 215 22.12 30.98 -18.28
C GLN A 215 23.47 30.96 -17.58
N PRO A 216 24.48 30.33 -18.23
CA PRO A 216 25.85 30.37 -17.71
C PRO A 216 26.38 31.80 -17.67
N VAL A 217 26.00 32.58 -18.68
CA VAL A 217 26.44 33.97 -18.78
C VAL A 217 25.27 34.89 -19.11
N TYR A 218 24.99 35.84 -18.22
CA TYR A 218 23.93 36.81 -18.43
C TYR A 218 24.47 38.07 -19.11
N ARG A 219 23.75 38.58 -20.10
CA ARG A 219 24.22 39.71 -20.88
C ARG A 219 23.17 40.82 -20.98
N VAL A 220 23.59 42.04 -20.68
CA VAL A 220 22.69 43.20 -20.68
C VAL A 220 23.44 44.47 -21.06
N LYS A 221 22.83 45.28 -21.94
CA LYS A 221 23.41 46.54 -22.37
C LYS A 221 22.53 47.71 -21.95
N VAL A 222 23.05 48.55 -21.07
CA VAL A 222 22.25 49.65 -20.51
C VAL A 222 23.00 50.98 -20.57
N LEU A 223 22.25 52.06 -20.77
CA LEU A 223 22.82 53.40 -20.80
C LEU A 223 23.29 53.80 -19.41
N GLU A 224 24.32 54.63 -19.35
CA GLU A 224 24.90 55.05 -18.06
C GLU A 224 23.94 55.94 -17.26
N ASN A 225 23.15 56.74 -17.95
CA ASN A 225 22.29 57.72 -17.29
C ASN A 225 20.94 57.13 -16.86
N VAL A 226 20.88 55.81 -16.77
CA VAL A 226 19.65 55.15 -16.35
C VAL A 226 19.43 55.37 -14.85
N ALA A 227 18.19 55.62 -14.47
CA ALA A 227 17.86 55.95 -13.09
C ALA A 227 18.20 54.81 -12.15
N PRO A 228 18.68 55.15 -10.94
CA PRO A 228 18.94 54.12 -9.91
C PRO A 228 17.66 53.35 -9.56
N GLY A 229 17.80 52.06 -9.31
CA GLY A 229 16.66 51.23 -8.96
C GLY A 229 15.99 50.61 -10.18
N THR A 230 16.51 50.94 -11.36
CA THR A 230 15.99 50.38 -12.60
C THR A 230 16.27 48.89 -12.69
N LEU A 231 15.22 48.11 -12.94
CA LEU A 231 15.34 46.66 -13.04
C LEU A 231 16.18 46.26 -14.26
N LEU A 232 17.47 46.03 -14.02
CA LEU A 232 18.38 45.60 -15.08
C LEU A 232 18.08 44.19 -15.55
N LEU A 233 17.99 43.27 -14.60
CA LEU A 233 17.86 41.87 -14.95
C LEU A 233 17.01 41.12 -13.92
N THR A 234 16.47 39.98 -14.32
CA THR A 234 15.76 39.09 -13.41
C THR A 234 16.44 37.72 -13.42
N VAL A 235 17.37 37.53 -12.49
CA VAL A 235 18.15 36.31 -12.40
C VAL A 235 17.32 35.16 -11.81
N ARG A 236 17.47 33.97 -12.37
CA ARG A 236 16.72 32.81 -11.91
C ARG A 236 17.54 31.51 -11.97
N ALA A 237 17.39 30.69 -10.94
CA ALA A 237 18.03 29.38 -10.90
C ALA A 237 17.00 28.29 -10.62
N SER A 238 17.19 27.12 -11.22
CA SER A 238 16.23 26.03 -11.10
C SER A 238 16.60 25.05 -9.99
N ASP A 239 15.59 24.60 -9.25
CA ASP A 239 15.77 23.62 -8.19
C ASP A 239 14.45 22.91 -7.92
N PRO A 240 14.25 21.73 -8.54
CA PRO A 240 12.99 20.99 -8.50
C PRO A 240 12.72 20.30 -7.17
N ASP A 241 13.67 20.37 -6.24
CA ASP A 241 13.51 19.74 -4.93
C ASP A 241 12.32 20.32 -4.17
N GLU A 242 11.86 19.59 -3.16
CA GLU A 242 10.63 19.94 -2.46
C GLU A 242 10.85 20.98 -1.36
N GLY A 243 10.04 22.03 -1.37
CA GLY A 243 10.02 23.03 -0.32
C GLY A 243 11.34 23.67 0.03
N VAL A 244 11.83 23.37 1.23
CA VAL A 244 13.05 23.96 1.76
C VAL A 244 14.26 23.62 0.89
N ASN A 245 14.28 22.40 0.35
CA ASN A 245 15.35 21.96 -0.51
C ASN A 245 15.31 22.63 -1.89
N GLY A 246 14.21 23.33 -2.16
CA GLY A 246 14.03 23.99 -3.44
C GLY A 246 14.15 25.50 -3.32
N LYS A 247 14.27 25.99 -2.09
CA LYS A 247 14.44 27.41 -1.85
C LYS A 247 15.82 27.86 -2.30
N VAL A 248 15.86 28.71 -3.33
CA VAL A 248 17.12 29.17 -3.89
C VAL A 248 17.44 30.59 -3.40
N THR A 249 18.71 30.84 -3.11
CA THR A 249 19.17 32.14 -2.63
C THR A 249 20.26 32.72 -3.53
N TYR A 250 19.98 33.86 -4.16
CA TYR A 250 20.92 34.49 -5.08
C TYR A 250 21.76 35.54 -4.39
N LYS A 251 23.07 35.54 -4.67
CA LYS A 251 23.95 36.58 -4.13
C LYS A 251 25.25 36.69 -4.91
N PHE A 252 25.88 37.86 -4.85
CA PHE A 252 27.17 38.06 -5.46
C PHE A 252 28.22 37.23 -4.76
N ARG A 253 29.15 36.67 -5.52
CA ARG A 253 30.21 35.85 -4.96
C ARG A 253 31.12 36.68 -4.06
N LYS A 254 31.34 37.93 -4.45
CA LYS A 254 32.25 38.81 -3.73
C LYS A 254 31.50 39.87 -2.91
N ILE A 255 30.26 39.55 -2.54
CA ILE A 255 29.40 40.51 -1.85
C ILE A 255 29.97 40.96 -0.50
N ASN A 256 30.76 40.10 0.15
CA ASN A 256 31.28 40.38 1.48
C ASN A 256 32.41 41.40 1.48
N GLU A 257 33.24 41.35 0.45
CA GLU A 257 34.43 42.19 0.39
C GLU A 257 34.17 43.51 -0.33
N LYS A 258 32.97 43.64 -0.90
CA LYS A 258 32.60 44.85 -1.62
C LYS A 258 32.36 46.02 -0.65
N GLN A 259 32.60 47.23 -1.14
CA GLN A 259 32.34 48.43 -0.36
C GLN A 259 30.99 49.02 -0.74
N SER A 260 31.01 49.98 -1.67
CA SER A 260 29.78 50.58 -2.17
C SER A 260 29.23 49.77 -3.35
N LEU A 261 28.08 49.14 -3.16
CA LEU A 261 27.49 48.31 -4.20
C LEU A 261 27.01 49.15 -5.38
N LEU A 262 27.43 48.76 -6.58
CA LEU A 262 27.02 49.46 -7.80
C LEU A 262 25.68 48.91 -8.30
N PHE A 263 25.46 47.62 -8.06
CA PHE A 263 24.19 46.99 -8.39
C PHE A 263 23.68 46.19 -7.20
N HIS A 264 22.36 46.04 -7.11
CA HIS A 264 21.76 45.26 -6.03
C HIS A 264 21.07 44.01 -6.57
N LEU A 265 21.57 42.85 -6.18
CA LEU A 265 20.92 41.58 -6.51
C LEU A 265 20.08 41.11 -5.34
N HIS A 266 18.77 41.12 -5.52
CA HIS A 266 17.85 40.73 -4.44
C HIS A 266 18.09 39.28 -4.03
N GLU A 267 18.13 39.05 -2.72
CA GLU A 267 18.48 37.76 -2.16
C GLU A 267 17.48 36.66 -2.56
N ASN A 268 16.20 37.01 -2.56
CA ASN A 268 15.15 36.03 -2.81
C ASN A 268 14.71 35.97 -4.27
N THR A 269 14.17 37.07 -4.78
CA THR A 269 13.60 37.08 -6.11
C THR A 269 14.66 37.16 -7.20
N GLY A 270 15.89 37.45 -6.80
CA GLY A 270 17.01 37.50 -7.74
C GLY A 270 16.91 38.64 -8.74
N GLU A 271 16.21 39.70 -8.38
CA GLU A 271 16.10 40.87 -9.25
C GLU A 271 17.33 41.76 -9.10
N MET A 272 18.05 41.94 -10.20
CA MET A 272 19.26 42.75 -10.22
C MET A 272 18.99 44.15 -10.75
N THR A 273 19.19 45.15 -9.89
CA THR A 273 18.87 46.53 -10.19
C THR A 273 20.07 47.46 -10.03
N VAL A 274 19.92 48.70 -10.48
CA VAL A 274 20.98 49.69 -10.40
C VAL A 274 20.97 50.39 -9.04
N ALA A 275 22.12 50.46 -8.38
CA ALA A 275 22.21 51.08 -7.07
C ALA A 275 22.65 52.54 -7.16
N LYS A 276 23.78 52.78 -7.82
CA LYS A 276 24.30 54.13 -7.97
C LYS A 276 24.35 54.54 -9.45
N ASN A 277 24.50 55.83 -9.71
CA ASN A 277 24.65 56.32 -11.07
C ASN A 277 25.90 55.73 -11.72
N LEU A 278 25.71 55.07 -12.85
CA LEU A 278 26.81 54.39 -13.53
C LEU A 278 27.73 55.37 -14.25
N ASP A 279 27.21 56.57 -14.52
CA ASP A 279 27.96 57.59 -15.22
C ASP A 279 29.11 58.12 -14.37
N TYR A 280 28.84 58.34 -13.08
CA TYR A 280 29.85 58.85 -12.16
C TYR A 280 30.98 57.84 -11.96
N GLU A 281 30.62 56.57 -11.94
CA GLU A 281 31.61 55.51 -11.75
C GLU A 281 32.55 55.41 -12.95
N GLU A 282 32.05 55.85 -14.10
CA GLU A 282 32.81 55.84 -15.35
C GLU A 282 33.34 54.45 -15.71
N CYS A 283 32.56 53.42 -15.39
CA CYS A 283 32.89 52.07 -15.81
C CYS A 283 32.06 51.69 -17.03
N SER A 284 32.71 51.12 -18.03
CA SER A 284 32.06 50.86 -19.31
C SER A 284 31.70 49.39 -19.49
N LEU A 285 32.35 48.52 -18.74
CA LEU A 285 32.10 47.09 -18.83
C LEU A 285 32.25 46.38 -17.49
N TYR A 286 31.16 45.80 -17.00
CA TYR A 286 31.15 45.01 -15.77
C TYR A 286 31.10 43.53 -16.08
N GLU A 287 31.89 42.74 -15.36
CA GLU A 287 31.82 41.29 -15.44
C GLU A 287 31.76 40.68 -14.05
N MET A 288 30.55 40.43 -13.56
CA MET A 288 30.36 40.01 -12.18
C MET A 288 29.97 38.54 -12.02
N GLU A 289 30.51 37.91 -10.98
CA GLU A 289 30.21 36.50 -10.69
C GLU A 289 29.13 36.36 -9.63
N ILE A 290 28.05 35.68 -9.98
CA ILE A 290 26.96 35.46 -9.03
C ILE A 290 26.77 33.98 -8.72
N GLN A 291 26.14 33.70 -7.58
CA GLN A 291 25.89 32.33 -7.16
C GLN A 291 24.50 32.15 -6.57
N ALA A 292 24.01 30.91 -6.65
CA ALA A 292 22.74 30.52 -6.08
C ALA A 292 22.94 29.36 -5.12
N GLU A 293 22.28 29.39 -3.97
CA GLU A 293 22.53 28.41 -2.93
C GLU A 293 21.25 27.92 -2.25
N ASP A 294 21.17 26.63 -2.00
CA ASP A 294 20.03 26.04 -1.28
C ASP A 294 20.46 25.67 0.14
N VAL A 295 19.52 25.18 0.94
CA VAL A 295 19.78 24.88 2.33
C VAL A 295 20.78 23.74 2.51
N GLY A 296 20.97 22.95 1.46
CA GLY A 296 21.93 21.87 1.50
C GLY A 296 23.33 22.32 1.13
N ALA A 297 23.49 23.63 1.02
CA ALA A 297 24.77 24.26 0.67
C ALA A 297 25.28 23.81 -0.69
N LEU A 298 24.36 23.53 -1.61
CA LEU A 298 24.73 23.20 -2.98
C LEU A 298 24.77 24.46 -3.83
N LEU A 299 25.83 24.61 -4.61
CA LEU A 299 26.07 25.86 -5.34
C LEU A 299 25.72 25.81 -6.81
N GLY A 300 25.32 26.96 -7.34
CA GLY A 300 25.19 27.16 -8.77
C GLY A 300 25.93 28.44 -9.09
N ARG A 301 26.77 28.42 -10.11
CA ARG A 301 27.57 29.60 -10.44
C ARG A 301 27.25 30.14 -11.82
N SER A 302 27.13 31.46 -11.92
CA SER A 302 26.88 32.11 -13.20
C SER A 302 27.59 33.46 -13.30
N LYS A 303 27.57 34.04 -14.48
CA LYS A 303 28.17 35.34 -14.71
C LYS A 303 27.18 36.33 -15.29
N VAL A 304 27.44 37.62 -15.06
CA VAL A 304 26.64 38.68 -15.65
C VAL A 304 27.54 39.76 -16.24
N ILE A 305 27.37 40.00 -17.53
CA ILE A 305 28.18 40.97 -18.26
C ILE A 305 27.34 42.22 -18.56
N ILE A 306 27.59 43.30 -17.82
CA ILE A 306 26.85 44.53 -18.03
C ILE A 306 27.65 45.53 -18.87
N MET A 307 27.19 45.77 -20.09
CA MET A 307 27.80 46.78 -20.94
C MET A 307 27.14 48.13 -20.72
N VAL A 308 27.89 49.07 -20.14
CA VAL A 308 27.39 50.40 -19.88
C VAL A 308 27.71 51.33 -21.05
N GLU A 309 26.67 51.85 -21.69
CA GLU A 309 26.83 52.73 -22.84
C GLU A 309 26.92 54.19 -22.42
N ASP A 310 27.97 54.87 -22.87
CA ASP A 310 28.19 56.28 -22.52
C ASP A 310 27.28 57.18 -23.35
N VAL A 311 26.89 58.33 -22.78
CA VAL A 311 25.96 59.23 -23.44
C VAL A 311 26.64 60.50 -23.94
N ASN A 312 27.01 61.38 -23.01
CA ASN A 312 27.65 62.65 -23.37
C ASN A 312 29.07 62.45 -23.89
N ASP A 313 29.38 63.08 -25.01
CA ASP A 313 30.69 62.95 -25.63
C ASP A 313 31.03 64.14 -26.50
C1 MAN B . -10.45 -10.74 -7.64
C2 MAN B . -11.72 -9.95 -8.02
C3 MAN B . -12.82 -10.90 -8.47
C4 MAN B . -12.30 -11.86 -9.56
C5 MAN B . -11.08 -12.62 -9.04
C6 MAN B . -10.46 -13.53 -10.09
O2 MAN B . -11.48 -9.08 -9.13
O3 MAN B . -13.98 -10.21 -8.93
O4 MAN B . -13.32 -12.79 -9.92
O5 MAN B . -10.06 -11.68 -8.63
O6 MAN B . -9.48 -14.35 -9.46
C1 MAN C . -9.18 -3.29 -4.47
C2 MAN C . -10.12 -2.20 -3.91
C3 MAN C . -10.91 -1.52 -5.04
C4 MAN C . -10.05 -1.23 -6.27
C5 MAN C . -9.32 -2.50 -6.74
C6 MAN C . -8.41 -2.23 -7.95
O2 MAN C . -9.38 -1.18 -3.21
O3 MAN C . -11.57 -0.34 -4.60
O4 MAN C . -10.87 -0.73 -7.35
O5 MAN C . -8.51 -2.95 -5.66
O6 MAN C . -8.29 -3.43 -8.72
CA CA D . -12.80 -18.19 0.31
CA CA E . 14.52 15.73 -4.50
CA CA F . 18.20 21.66 -3.91
CA CA G . 15.69 13.01 -7.49
CA CA H . -16.15 -22.68 4.43
CA CA I . -19.38 -21.46 5.14
CA CA J . 30.48 59.85 -19.60
#